data_5WQO
#
_entry.id   5WQO
#
_cell.length_a   65.280
_cell.length_b   76.035
_cell.length_c   91.594
_cell.angle_alpha   90.00
_cell.angle_beta   90.00
_cell.angle_gamma   90.00
#
_symmetry.space_group_name_H-M   'P 21 21 21'
#
loop_
_entity.id
_entity.type
_entity.pdbx_description
1 polymer 'Probable dehydrogenase'
2 non-polymer 'NADP NICOTINAMIDE-ADENINE-DINUCLEOTIDE PHOSPHATE'
3 non-polymer 1,2-ETHANEDIOL
4 non-polymer 'SODIUM ION'
5 water water
#
_entity_poly.entity_id   1
_entity_poly.type   'polypeptide(L)'
_entity_poly.pdbx_seq_one_letter_code
;GPLGSMHNVLIVGASRGIGLGLADAFLQRGAQVFAVARRPQGSPGLQALAERAGERLQAVTGDLNQHDCAERIGEMLGER
RIDRLIVNAGIYGPQQQDVAEIDAEQTAQLFLTNAIAPLRLARALSGRVSRGGVVAFMSSQMASLALGLSATMPLYGASK
AALNSLVRSWEGEFEELPFSLLLLHPGWVRTEMGGDSAPLSVEESAAGLVAAVEDAAGVNACRFVDYRNQPLPW
;
_entity_poly.pdbx_strand_id   A,B
#
loop_
_chem_comp.id
_chem_comp.type
_chem_comp.name
_chem_comp.formula
EDO non-polymer 1,2-ETHANEDIOL 'C2 H6 O2'
NA non-polymer 'SODIUM ION' 'Na 1'
NAP non-polymer 'NADP NICOTINAMIDE-ADENINE-DINUCLEOTIDE PHOSPHATE' 'C21 H28 N7 O17 P3'
#
# COMPACT_ATOMS: atom_id res chain seq x y z
N GLY A 1 6.93 36.98 0.67
CA GLY A 1 5.89 37.66 -0.17
C GLY A 1 5.43 38.97 0.43
N PRO A 2 4.45 39.62 -0.22
CA PRO A 2 3.95 40.91 0.28
C PRO A 2 3.01 40.71 1.45
N LEU A 3 2.45 41.82 1.93
CA LEU A 3 1.44 41.84 3.01
C LEU A 3 1.99 41.23 4.31
N GLY A 4 3.29 41.45 4.57
CA GLY A 4 3.99 40.88 5.73
C GLY A 4 3.84 39.38 5.89
N SER A 5 3.73 38.67 4.76
CA SER A 5 3.50 37.24 4.76
C SER A 5 4.80 36.51 5.02
N MET A 6 4.74 35.52 5.91
CA MET A 6 5.82 34.55 6.09
C MET A 6 5.17 33.19 6.33
N HIS A 7 5.35 32.27 5.39
CA HIS A 7 4.69 30.99 5.49
C HIS A 7 5.25 30.18 6.65
N ASN A 8 4.38 29.44 7.33
CA ASN A 8 4.76 28.48 8.36
C ASN A 8 4.83 27.12 7.71
N VAL A 9 6.01 26.53 7.75
CA VAL A 9 6.28 25.25 7.10
C VAL A 9 6.64 24.25 8.18
N LEU A 10 5.97 23.11 8.18
CA LEU A 10 6.21 22.06 9.16
C LEU A 10 6.77 20.88 8.41
N ILE A 11 7.98 20.45 8.81
CA ILE A 11 8.62 19.29 8.18
C ILE A 11 8.75 18.22 9.25
N VAL A 12 8.04 17.11 9.06
CA VAL A 12 8.07 16.03 10.03
C VAL A 12 9.14 15.03 9.61
N GLY A 13 10.24 15.00 10.36
CA GLY A 13 11.39 14.19 10.06
C GLY A 13 12.46 15.02 9.41
N ALA A 14 13.14 15.83 10.19
CA ALA A 14 14.05 16.85 9.64
C ALA A 14 15.47 16.80 10.13
N SER A 15 15.88 15.71 10.79
CA SER A 15 17.20 15.66 11.41
C SER A 15 18.36 15.43 10.43
N ARG A 16 18.07 14.82 9.30
CA ARG A 16 19.09 14.50 8.31
C ARG A 16 18.44 14.21 6.95
N GLY A 17 19.27 13.99 5.93
CA GLY A 17 18.75 13.56 4.64
C GLY A 17 17.89 14.62 3.98
N ILE A 18 16.91 14.13 3.23
CA ILE A 18 16.00 15.00 2.45
C ILE A 18 15.21 15.94 3.37
N GLY A 19 14.84 15.44 4.55
CA GLY A 19 14.09 16.26 5.48
C GLY A 19 14.84 17.49 5.92
N LEU A 20 16.11 17.31 6.25
CA LEU A 20 16.98 18.43 6.61
C LEU A 20 17.15 19.38 5.42
N GLY A 21 17.33 18.78 4.23
CA GLY A 21 17.45 19.56 3.00
C GLY A 21 16.23 20.42 2.74
N LEU A 22 15.05 19.87 3.00
CA LEU A 22 13.79 20.63 2.89
C LEU A 22 13.71 21.80 3.88
N ALA A 23 14.13 21.56 5.13
CA ALA A 23 14.17 22.65 6.12
C ALA A 23 15.07 23.77 5.65
N ASP A 24 16.24 23.40 5.14
CA ASP A 24 17.23 24.36 4.64
C ASP A 24 16.66 25.15 3.45
N ALA A 25 16.07 24.44 2.51
CA ALA A 25 15.53 25.05 1.29
C ALA A 25 14.34 25.96 1.58
N PHE A 26 13.45 25.57 2.48
CA PHE A 26 12.35 26.47 2.89
C PHE A 26 12.86 27.70 3.65
N LEU A 27 13.84 27.52 4.53
CA LEU A 27 14.48 28.66 5.19
C LEU A 27 15.06 29.64 4.17
N GLN A 28 15.72 29.12 3.13
CA GLN A 28 16.30 29.98 2.09
C GLN A 28 15.23 30.79 1.32
N ARG A 29 14.02 30.26 1.20
CA ARG A 29 12.89 31.00 0.60
C ARG A 29 12.24 32.04 1.52
N GLY A 30 12.63 32.06 2.79
CA GLY A 30 12.10 33.03 3.75
C GLY A 30 11.03 32.50 4.69
N ALA A 31 10.80 31.19 4.71
CA ALA A 31 9.73 30.62 5.54
C ALA A 31 10.15 30.56 7.02
N GLN A 32 9.15 30.50 7.89
CA GLN A 32 9.34 30.11 9.29
C GLN A 32 9.19 28.60 9.26
N VAL A 33 10.22 27.88 9.71
CA VAL A 33 10.24 26.43 9.61
C VAL A 33 10.15 25.82 11.00
N PHE A 34 9.23 24.85 11.14
CA PHE A 34 9.12 24.03 12.32
C PHE A 34 9.61 22.65 11.90
N ALA A 35 10.76 22.26 12.43
CA ALA A 35 11.48 21.08 12.00
C ALA A 35 11.39 20.02 13.08
N VAL A 36 10.59 18.98 12.81
CA VAL A 36 10.30 17.98 13.81
C VAL A 36 11.31 16.86 13.65
N ALA A 37 11.93 16.48 14.77
CA ALA A 37 12.89 15.38 14.78
C ALA A 37 12.76 14.61 16.08
N ARG A 38 13.08 13.32 16.05
CA ARG A 38 13.01 12.49 17.26
C ARG A 38 14.00 12.95 18.32
N ARG A 39 15.19 13.35 17.87
CA ARG A 39 16.26 13.78 18.75
C ARG A 39 16.94 15.02 18.15
N PRO A 40 16.25 16.18 18.18
CA PRO A 40 16.78 17.38 17.49
C PRO A 40 18.16 17.80 17.97
N GLN A 41 18.38 17.70 19.27
CA GLN A 41 19.68 18.02 19.87
C GLN A 41 20.85 17.16 19.33
N GLY A 42 20.55 15.94 18.89
CA GLY A 42 21.55 15.05 18.30
C GLY A 42 21.78 15.19 16.80
N SER A 43 21.21 16.21 16.16
CA SER A 43 21.40 16.47 14.72
C SER A 43 22.34 17.67 14.51
N PRO A 44 23.60 17.41 14.10
CA PRO A 44 24.48 18.55 13.79
C PRO A 44 23.95 19.45 12.66
N GLY A 45 23.27 18.85 11.69
CA GLY A 45 22.63 19.58 10.61
C GLY A 45 21.58 20.56 11.07
N LEU A 46 20.70 20.11 11.95
CA LEU A 46 19.64 20.98 12.47
C LEU A 46 20.21 22.05 13.39
N GLN A 47 21.22 21.70 14.19
CA GLN A 47 21.93 22.67 15.03
C GLN A 47 22.59 23.77 14.19
N ALA A 48 23.22 23.37 13.08
CA ALA A 48 23.81 24.34 12.14
C ALA A 48 22.74 25.27 11.53
N LEU A 49 21.62 24.71 11.12
CA LEU A 49 20.51 25.53 10.61
C LEU A 49 19.97 26.50 11.63
N ALA A 50 19.79 26.02 12.86
CA ALA A 50 19.35 26.85 13.99
C ALA A 50 20.28 28.02 14.24
N GLU A 51 21.59 27.77 14.16
CA GLU A 51 22.58 28.83 14.34
C GLU A 51 22.45 29.90 13.25
N ARG A 52 22.30 29.48 12.00
CA ARG A 52 22.20 30.39 10.86
C ARG A 52 20.89 31.19 10.85
N ALA A 53 19.78 30.52 11.08
CA ALA A 53 18.45 31.09 10.91
C ALA A 53 17.88 31.69 12.19
N GLY A 54 18.49 31.36 13.31
CA GLY A 54 17.97 31.67 14.64
C GLY A 54 16.54 31.24 14.81
N GLU A 55 15.71 32.19 15.21
CA GLU A 55 14.33 31.91 15.60
C GLU A 55 13.44 31.48 14.42
N ARG A 56 13.87 31.76 13.19
CA ARG A 56 13.12 31.32 12.02
C ARG A 56 13.12 29.79 11.80
N LEU A 57 14.03 29.08 12.46
CA LEU A 57 14.03 27.62 12.53
C LEU A 57 13.72 27.23 13.98
N GLN A 58 12.55 26.64 14.20
CA GLN A 58 12.20 26.10 15.51
C GLN A 58 12.29 24.58 15.37
N ALA A 59 13.22 23.98 16.10
CA ALA A 59 13.26 22.53 16.21
C ALA A 59 12.21 22.10 17.24
N VAL A 60 11.58 20.98 16.95
CA VAL A 60 10.45 20.46 17.73
C VAL A 60 10.79 18.98 17.95
N THR A 61 10.80 18.52 19.19
CA THR A 61 11.00 17.09 19.45
C THR A 61 9.67 16.38 19.17
N GLY A 62 9.69 15.35 18.32
CA GLY A 62 8.48 14.66 17.97
C GLY A 62 8.77 13.43 17.14
N ASP A 63 7.85 12.47 17.19
CA ASP A 63 8.07 11.13 16.61
C ASP A 63 6.77 10.73 15.97
N LEU A 64 6.81 10.54 14.65
CA LEU A 64 5.66 10.13 13.87
C LEU A 64 4.88 8.94 14.46
N ASN A 65 5.58 8.03 15.11
CA ASN A 65 4.92 6.83 15.66
C ASN A 65 4.25 7.07 17.02
N GLN A 66 4.49 8.22 17.61
CA GLN A 66 3.91 8.56 18.89
C GLN A 66 2.56 9.23 18.67
N HIS A 67 1.54 8.74 19.35
CA HIS A 67 0.18 9.31 19.19
C HIS A 67 0.03 10.75 19.69
N ASP A 68 0.95 11.21 20.56
CA ASP A 68 0.95 12.59 21.03
C ASP A 68 1.73 13.57 20.14
N CYS A 69 2.19 13.10 18.98
CA CYS A 69 3.02 13.93 18.11
C CYS A 69 2.28 15.22 17.68
N ALA A 70 1.05 15.06 17.23
CA ALA A 70 0.21 16.21 16.80
C ALA A 70 -0.01 17.19 17.92
N GLU A 71 -0.30 16.67 19.11
CA GLU A 71 -0.48 17.49 20.31
C GLU A 71 0.79 18.29 20.60
N ARG A 72 1.96 17.65 20.55
CA ARG A 72 3.23 18.34 20.78
C ARG A 72 3.51 19.42 19.75
N ILE A 73 3.24 19.12 18.49
CA ILE A 73 3.39 20.10 17.42
C ILE A 73 2.44 21.29 17.66
N GLY A 74 1.18 20.99 17.97
CA GLY A 74 0.16 22.01 18.22
C GLY A 74 0.54 22.94 19.36
N GLU A 75 0.93 22.35 20.49
CA GLU A 75 1.37 23.12 21.66
C GLU A 75 2.50 24.06 21.29
N MET A 76 3.45 23.56 20.51
CA MET A 76 4.53 24.36 19.99
C MET A 76 4.05 25.50 19.08
N LEU A 77 3.17 25.20 18.13
CA LEU A 77 2.68 26.21 17.17
C LEU A 77 1.82 27.32 17.81
N GLY A 78 1.18 27.02 18.93
CA GLY A 78 0.23 27.96 19.54
C GLY A 78 -0.98 28.10 18.64
N GLU A 79 -1.31 29.33 18.25
CA GLU A 79 -2.45 29.59 17.36
C GLU A 79 -2.04 29.73 15.90
N ARG A 80 -0.75 29.49 15.59
CA ARG A 80 -0.27 29.64 14.23
C ARG A 80 -0.84 28.58 13.31
N ARG A 81 -1.16 28.99 12.10
CA ARG A 81 -1.60 28.04 11.09
C ARG A 81 -0.41 27.42 10.37
N ILE A 82 -0.63 26.27 9.78
CA ILE A 82 0.40 25.60 8.98
C ILE A 82 0.10 25.86 7.53
N ASP A 83 1.02 26.52 6.84
CA ASP A 83 0.84 26.75 5.39
C ASP A 83 1.28 25.56 4.55
N ARG A 84 2.36 24.89 4.95
CA ARG A 84 2.89 23.73 4.24
C ARG A 84 3.20 22.69 5.28
N LEU A 85 2.61 21.51 5.14
CA LEU A 85 2.81 20.38 6.07
C LEU A 85 3.43 19.28 5.26
N ILE A 86 4.68 18.92 5.57
CA ILE A 86 5.39 17.90 4.81
C ILE A 86 5.76 16.77 5.77
N VAL A 87 5.24 15.57 5.49
CA VAL A 87 5.64 14.39 6.22
C VAL A 87 6.77 13.70 5.45
N ASN A 88 7.98 13.74 6.00
CA ASN A 88 9.16 13.22 5.34
C ASN A 88 9.65 11.93 5.94
N ALA A 89 9.49 11.76 7.25
CA ALA A 89 9.95 10.60 7.98
C ALA A 89 9.41 9.32 7.40
N GLY A 90 10.28 8.33 7.27
CA GLY A 90 9.88 7.02 6.76
C GLY A 90 11.01 6.02 6.99
N ILE A 91 10.71 4.74 6.80
CA ILE A 91 11.72 3.69 6.97
C ILE A 91 11.76 2.83 5.71
N TYR A 92 12.82 2.05 5.57
CA TYR A 92 12.96 1.16 4.40
C TYR A 92 12.16 -0.13 4.57
N GLY A 93 12.00 -0.57 5.82
CA GLY A 93 11.58 -1.94 6.10
C GLY A 93 12.78 -2.88 6.12
N PRO A 94 12.53 -4.20 6.22
CA PRO A 94 13.58 -5.18 6.32
C PRO A 94 14.58 -5.07 5.14
N GLN A 95 15.86 -5.19 5.46
CA GLN A 95 16.89 -5.02 4.47
C GLN A 95 16.74 -5.96 3.25
N GLN A 96 16.31 -7.18 3.50
CA GLN A 96 16.14 -8.18 2.43
C GLN A 96 14.90 -7.95 1.54
N GLN A 97 13.93 -7.16 1.99
CA GLN A 97 12.75 -6.82 1.22
C GLN A 97 12.03 -8.08 0.67
N ASP A 98 11.92 -9.08 1.53
CA ASP A 98 11.53 -10.43 1.14
C ASP A 98 10.22 -10.80 1.85
N VAL A 99 9.14 -10.95 1.06
CA VAL A 99 7.82 -11.36 1.62
C VAL A 99 7.84 -12.66 2.42
N ALA A 100 8.78 -13.55 2.12
CA ALA A 100 8.89 -14.85 2.81
C ALA A 100 9.45 -14.75 4.20
N GLU A 101 10.11 -13.63 4.53
CA GLU A 101 10.83 -13.53 5.80
C GLU A 101 10.29 -12.44 6.74
N ILE A 102 9.54 -11.46 6.24
CA ILE A 102 9.05 -10.37 7.09
C ILE A 102 8.08 -10.94 8.15
N ASP A 103 8.28 -10.56 9.42
CA ASP A 103 7.43 -11.06 10.51
C ASP A 103 6.34 -10.05 10.90
N ALA A 104 5.52 -10.37 11.91
CA ALA A 104 4.41 -9.51 12.27
C ALA A 104 4.87 -8.15 12.79
N GLU A 105 5.89 -8.16 13.65
CA GLU A 105 6.39 -6.92 14.23
C GLU A 105 6.93 -5.97 13.16
N GLN A 106 7.70 -6.54 12.23
CA GLN A 106 8.23 -5.76 11.11
C GLN A 106 7.14 -5.23 10.19
N THR A 107 6.11 -6.03 9.95
CA THR A 107 4.97 -5.62 9.11
C THR A 107 4.23 -4.45 9.74
N ALA A 108 3.94 -4.56 11.04
CA ALA A 108 3.30 -3.46 11.75
C ALA A 108 4.15 -2.19 11.65
N GLN A 109 5.44 -2.33 11.91
CA GLN A 109 6.33 -1.17 11.90
C GLN A 109 6.36 -0.49 10.53
N LEU A 110 6.46 -1.30 9.48
CA LEU A 110 6.54 -0.81 8.13
C LEU A 110 5.29 -0.02 7.71
N PHE A 111 4.12 -0.64 7.89
CA PHE A 111 2.89 -0.02 7.44
C PHE A 111 2.41 1.10 8.34
N LEU A 112 2.66 0.98 9.64
CA LEU A 112 2.37 2.11 10.54
C LEU A 112 3.25 3.31 10.23
N THR A 113 4.54 3.10 10.09
CA THR A 113 5.45 4.23 9.90
C THR A 113 5.27 4.90 8.56
N ASN A 114 5.11 4.08 7.51
CA ASN A 114 5.14 4.61 6.14
C ASN A 114 3.79 5.00 5.57
N ALA A 115 2.70 4.52 6.17
CA ALA A 115 1.37 4.72 5.58
C ALA A 115 0.36 5.26 6.60
N ILE A 116 0.17 4.54 7.70
CA ILE A 116 -0.89 4.88 8.64
C ILE A 116 -0.56 6.11 9.51
N ALA A 117 0.61 6.12 10.13
CA ALA A 117 0.99 7.25 10.99
C ALA A 117 1.03 8.60 10.26
N PRO A 118 1.51 8.63 9.00
CA PRO A 118 1.44 9.90 8.27
C PRO A 118 0.04 10.45 8.13
N LEU A 119 -0.94 9.60 7.82
CA LEU A 119 -2.33 10.04 7.77
C LEU A 119 -2.89 10.43 9.15
N ARG A 120 -2.56 9.65 10.18
CA ARG A 120 -3.01 9.96 11.53
C ARG A 120 -2.57 11.37 11.94
N LEU A 121 -1.30 11.64 11.70
CA LEU A 121 -0.73 12.95 12.02
C LEU A 121 -1.31 14.07 11.18
N ALA A 122 -1.34 13.90 9.86
CA ALA A 122 -1.85 14.93 8.98
C ALA A 122 -3.32 15.25 9.27
N ARG A 123 -4.13 14.22 9.49
CA ARG A 123 -5.53 14.43 9.84
C ARG A 123 -5.68 15.20 11.13
N ALA A 124 -4.88 14.84 12.13
CA ALA A 124 -4.95 15.50 13.43
C ALA A 124 -4.54 17.00 13.35
N LEU A 125 -3.61 17.32 12.45
CA LEU A 125 -3.19 18.72 12.26
C LEU A 125 -3.99 19.48 11.20
N SER A 126 -4.88 18.79 10.47
CA SER A 126 -5.51 19.37 9.29
C SER A 126 -6.37 20.60 9.58
N GLY A 127 -6.96 20.70 10.79
CA GLY A 127 -7.77 21.85 11.16
C GLY A 127 -6.95 23.15 11.27
N ARG A 128 -5.64 23.00 11.36
CA ARG A 128 -4.67 24.09 11.52
C ARG A 128 -4.05 24.51 10.17
N VAL A 129 -4.29 23.72 9.13
CA VAL A 129 -3.70 23.96 7.82
C VAL A 129 -4.47 25.11 7.14
N SER A 130 -3.72 26.10 6.66
CA SER A 130 -4.31 27.22 5.97
C SER A 130 -5.14 26.78 4.76
N ARG A 131 -6.26 27.44 4.54
CA ARG A 131 -7.04 27.18 3.35
C ARG A 131 -6.19 27.65 2.14
N GLY A 132 -6.05 26.78 1.14
CA GLY A 132 -5.13 27.04 0.05
C GLY A 132 -3.69 26.62 0.35
N GLY A 133 -3.49 25.94 1.48
CA GLY A 133 -2.19 25.36 1.82
C GLY A 133 -1.88 24.07 1.08
N VAL A 134 -0.83 23.41 1.53
CA VAL A 134 -0.37 22.16 0.92
C VAL A 134 0.00 21.18 2.00
N VAL A 135 -0.56 19.97 1.93
CA VAL A 135 -0.18 18.86 2.76
C VAL A 135 0.49 17.85 1.83
N ALA A 136 1.76 17.53 2.09
CA ALA A 136 2.52 16.68 1.21
C ALA A 136 3.12 15.53 1.98
N PHE A 137 3.15 14.38 1.34
CA PHE A 137 3.69 13.16 1.93
C PHE A 137 4.83 12.71 1.04
N MET A 138 5.94 12.35 1.63
CA MET A 138 7.05 11.80 0.86
C MET A 138 6.67 10.38 0.51
N SER A 139 6.51 10.11 -0.77
CA SER A 139 6.15 8.80 -1.27
C SER A 139 7.37 8.31 -2.07
N SER A 140 7.14 7.63 -3.17
CA SER A 140 8.20 7.05 -3.98
C SER A 140 7.67 6.65 -5.34
N GLN A 141 8.57 6.64 -6.32
CA GLN A 141 8.26 6.07 -7.61
C GLN A 141 7.94 4.56 -7.44
N MET A 142 8.48 3.93 -6.41
CA MET A 142 8.19 2.53 -6.13
C MET A 142 6.73 2.27 -5.70
N ALA A 143 5.99 3.34 -5.36
CA ALA A 143 4.57 3.27 -5.06
C ALA A 143 3.69 3.10 -6.31
N SER A 144 4.23 3.41 -7.48
CA SER A 144 3.45 3.45 -8.71
C SER A 144 3.22 2.02 -9.21
N LEU A 145 1.94 1.67 -9.34
CA LEU A 145 1.53 0.40 -9.92
C LEU A 145 1.87 0.38 -11.42
N ALA A 146 1.55 1.47 -12.12
CA ALA A 146 1.82 1.55 -13.56
C ALA A 146 3.31 1.42 -13.92
N LEU A 147 4.18 2.07 -13.16
CA LEU A 147 5.62 1.97 -13.45
C LEU A 147 6.15 0.57 -13.16
N GLY A 148 5.64 -0.04 -12.09
CA GLY A 148 5.98 -1.44 -11.77
C GLY A 148 7.48 -1.59 -11.54
N LEU A 149 8.07 -0.62 -10.84
CA LEU A 149 9.50 -0.60 -10.51
C LEU A 149 9.74 -1.19 -9.11
N SER A 150 8.67 -1.51 -8.39
CA SER A 150 8.72 -1.98 -7.02
C SER A 150 9.43 -3.32 -6.79
N ALA A 151 9.66 -4.13 -7.83
CA ALA A 151 10.48 -5.34 -7.70
C ALA A 151 11.82 -5.12 -7.01
N THR A 152 12.44 -3.94 -7.17
CA THR A 152 13.68 -3.64 -6.50
C THR A 152 13.58 -3.61 -4.94
N MET A 153 12.42 -3.19 -4.42
CA MET A 153 12.24 -3.09 -2.93
C MET A 153 10.76 -3.28 -2.68
N PRO A 154 10.31 -4.54 -2.81
CA PRO A 154 8.86 -4.77 -2.84
C PRO A 154 8.12 -4.35 -1.60
N LEU A 155 8.70 -4.60 -0.42
CA LEU A 155 7.99 -4.26 0.81
C LEU A 155 7.85 -2.76 1.00
N TYR A 156 8.97 -2.07 0.79
CA TYR A 156 8.99 -0.61 0.83
C TYR A 156 7.97 -0.04 -0.17
N GLY A 157 8.01 -0.54 -1.39
CA GLY A 157 7.09 -0.10 -2.45
C GLY A 157 5.64 -0.30 -2.08
N ALA A 158 5.31 -1.46 -1.51
CA ALA A 158 3.95 -1.72 -1.06
C ALA A 158 3.49 -0.77 0.05
N SER A 159 4.41 -0.43 0.96
CA SER A 159 4.10 0.48 2.05
C SER A 159 3.79 1.89 1.50
N LYS A 160 4.50 2.30 0.44
CA LYS A 160 4.24 3.60 -0.19
C LYS A 160 3.00 3.57 -1.11
N ALA A 161 2.68 2.41 -1.70
CA ALA A 161 1.40 2.27 -2.40
C ALA A 161 0.24 2.41 -1.40
N ALA A 162 0.41 1.84 -0.22
CA ALA A 162 -0.57 1.94 0.85
C ALA A 162 -0.75 3.39 1.30
N LEU A 163 0.38 4.11 1.44
CA LEU A 163 0.33 5.54 1.72
C LEU A 163 -0.48 6.28 0.66
N ASN A 164 -0.15 6.05 -0.62
CA ASN A 164 -0.85 6.74 -1.69
C ASN A 164 -2.34 6.47 -1.62
N SER A 165 -2.70 5.20 -1.39
CA SER A 165 -4.09 4.79 -1.24
C SER A 165 -4.82 5.53 -0.14
N LEU A 166 -4.18 5.59 1.03
CA LEU A 166 -4.77 6.28 2.17
C LEU A 166 -4.97 7.77 1.92
N VAL A 167 -4.02 8.39 1.22
CA VAL A 167 -4.16 9.83 0.88
C VAL A 167 -5.32 10.03 -0.10
N ARG A 168 -5.43 9.17 -1.12
CA ARG A 168 -6.59 9.23 -2.01
C ARG A 168 -7.92 9.01 -1.29
N SER A 169 -7.95 8.09 -0.34
CA SER A 169 -9.14 7.87 0.46
C SER A 169 -9.50 9.09 1.31
N TRP A 170 -8.50 9.74 1.88
CA TRP A 170 -8.76 10.96 2.63
C TRP A 170 -9.34 12.04 1.71
N GLU A 171 -8.74 12.22 0.54
CA GLU A 171 -9.28 13.16 -0.45
C GLU A 171 -10.74 12.91 -0.71
N GLY A 172 -11.11 11.63 -0.80
CA GLY A 172 -12.48 11.24 -1.08
C GLY A 172 -13.48 11.54 0.01
N GLU A 173 -13.03 11.95 1.20
CA GLU A 173 -13.92 12.44 2.23
C GLU A 173 -14.38 13.89 2.07
N PHE A 174 -13.75 14.66 1.17
CA PHE A 174 -14.04 16.07 1.01
C PHE A 174 -14.90 16.30 -0.25
N GLU A 175 -15.91 17.15 -0.11
CA GLU A 175 -16.63 17.66 -1.28
C GLU A 175 -15.72 18.56 -2.11
N GLU A 176 -14.99 19.45 -1.42
CA GLU A 176 -14.01 20.33 -2.04
C GLU A 176 -12.76 20.29 -1.18
N LEU A 177 -11.59 20.04 -1.78
CA LEU A 177 -10.36 20.03 -1.00
C LEU A 177 -10.09 21.44 -0.48
N PRO A 178 -9.77 21.57 0.82
CA PRO A 178 -9.42 22.85 1.42
C PRO A 178 -7.92 23.21 1.29
N PHE A 179 -7.13 22.23 0.85
CA PHE A 179 -5.70 22.38 0.63
C PHE A 179 -5.28 21.36 -0.42
N SER A 180 -4.12 21.51 -1.04
CA SER A 180 -3.61 20.48 -1.92
C SER A 180 -3.07 19.29 -1.13
N LEU A 181 -3.18 18.10 -1.73
CA LEU A 181 -2.66 16.85 -1.18
C LEU A 181 -1.64 16.32 -2.18
N LEU A 182 -0.38 16.31 -1.76
CA LEU A 182 0.68 15.90 -2.66
C LEU A 182 1.33 14.60 -2.19
N LEU A 183 1.65 13.74 -3.17
CA LEU A 183 2.47 12.59 -2.95
C LEU A 183 3.74 12.88 -3.73
N LEU A 184 4.88 12.92 -3.04
CA LEU A 184 6.12 13.37 -3.65
C LEU A 184 7.11 12.25 -3.86
N HIS A 185 7.69 12.16 -5.05
CA HIS A 185 8.87 11.31 -5.28
C HIS A 185 10.11 12.23 -5.30
N PRO A 186 11.04 12.02 -4.36
CA PRO A 186 12.21 12.92 -4.26
C PRO A 186 13.30 12.66 -5.28
N GLY A 187 13.17 11.64 -6.13
CA GLY A 187 14.25 11.15 -6.93
C GLY A 187 15.05 10.18 -6.07
N TRP A 188 16.12 9.63 -6.63
CA TRP A 188 17.02 8.74 -5.89
C TRP A 188 18.14 9.62 -5.36
N VAL A 189 18.22 9.80 -4.04
CA VAL A 189 18.98 10.88 -3.42
C VAL A 189 20.07 10.28 -2.54
N ARG A 190 21.23 10.88 -2.55
CA ARG A 190 22.37 10.42 -1.75
C ARG A 190 22.15 10.72 -0.27
N THR A 191 21.50 9.79 0.40
CA THR A 191 21.23 9.83 1.82
C THR A 191 21.60 8.46 2.36
N GLU A 192 21.43 8.26 3.66
CA GLU A 192 21.65 6.92 4.23
C GLU A 192 20.73 5.88 3.58
N MET A 193 19.51 6.25 3.20
CA MET A 193 18.61 5.32 2.50
C MET A 193 18.99 5.12 1.03
N GLY A 194 19.32 6.22 0.34
CA GLY A 194 19.64 6.19 -1.09
C GLY A 194 20.96 5.54 -1.45
N GLY A 195 21.99 5.77 -0.65
CA GLY A 195 23.30 5.22 -0.86
C GLY A 195 24.17 6.02 -1.83
N ASP A 196 25.38 5.53 -2.00
CA ASP A 196 26.42 6.25 -2.75
C ASP A 196 26.19 6.29 -4.25
N SER A 197 25.35 5.39 -4.78
CA SER A 197 25.04 5.39 -6.23
C SER A 197 23.95 6.36 -6.61
N ALA A 198 23.25 6.93 -5.64
CA ALA A 198 22.13 7.80 -5.94
C ALA A 198 22.61 9.02 -6.77
N PRO A 199 21.90 9.35 -7.87
CA PRO A 199 22.32 10.43 -8.77
C PRO A 199 22.09 11.87 -8.28
N LEU A 200 21.19 12.07 -7.32
CA LEU A 200 20.85 13.42 -6.87
C LEU A 200 21.48 13.73 -5.53
N SER A 201 21.94 14.97 -5.35
CA SER A 201 22.26 15.50 -4.02
C SER A 201 20.96 15.84 -3.29
N VAL A 202 21.03 15.84 -1.97
CA VAL A 202 19.92 16.34 -1.14
C VAL A 202 19.50 17.77 -1.56
N GLU A 203 20.49 18.60 -1.84
CA GLU A 203 20.26 19.99 -2.19
C GLU A 203 19.40 20.13 -3.46
N GLU A 204 19.73 19.37 -4.51
CA GLU A 204 18.97 19.46 -5.75
C GLU A 204 17.57 18.85 -5.60
N SER A 205 17.49 17.73 -4.88
CA SER A 205 16.18 17.11 -4.60
C SER A 205 15.29 18.06 -3.83
N ALA A 206 15.80 18.61 -2.73
CA ALA A 206 15.01 19.50 -1.89
C ALA A 206 14.59 20.79 -2.65
N ALA A 207 15.49 21.37 -3.42
CA ALA A 207 15.16 22.58 -4.21
C ALA A 207 13.99 22.28 -5.15
N GLY A 208 14.05 21.13 -5.78
CA GLY A 208 13.00 20.69 -6.69
C GLY A 208 11.68 20.47 -5.99
N LEU A 209 11.73 19.77 -4.87
CA LEU A 209 10.53 19.47 -4.08
C LEU A 209 9.88 20.73 -3.54
N VAL A 210 10.68 21.70 -3.10
CA VAL A 210 10.14 22.98 -2.67
C VAL A 210 9.38 23.63 -3.82
N ALA A 211 9.96 23.64 -5.02
CA ALA A 211 9.29 24.23 -6.16
C ALA A 211 7.97 23.50 -6.50
N ALA A 212 7.98 22.17 -6.40
CA ALA A 212 6.76 21.38 -6.66
C ALA A 212 5.67 21.66 -5.62
N VAL A 213 6.07 21.73 -4.35
CA VAL A 213 5.13 22.08 -3.28
C VAL A 213 4.51 23.49 -3.52
N GLU A 214 5.35 24.46 -3.81
CA GLU A 214 4.84 25.80 -4.03
C GLU A 214 3.95 25.94 -5.26
N ASP A 215 4.27 25.17 -6.29
CA ASP A 215 3.43 25.09 -7.49
C ASP A 215 2.00 24.58 -7.22
N ALA A 216 1.80 23.84 -6.15
CA ALA A 216 0.45 23.34 -5.80
C ALA A 216 -0.32 24.25 -4.85
N ALA A 217 0.33 25.30 -4.33
CA ALA A 217 -0.31 26.18 -3.36
C ALA A 217 -1.43 26.98 -3.99
N GLY A 218 -2.60 26.95 -3.38
CA GLY A 218 -3.79 27.63 -3.89
C GLY A 218 -4.58 26.84 -4.94
N VAL A 219 -4.07 25.69 -5.38
CA VAL A 219 -4.73 24.90 -6.40
C VAL A 219 -5.75 23.91 -5.79
N ASN A 220 -5.52 23.48 -4.54
CA ASN A 220 -6.38 22.54 -3.86
C ASN A 220 -6.62 21.28 -4.69
N ALA A 221 -5.53 20.67 -5.12
CA ALA A 221 -5.59 19.46 -5.95
C ALA A 221 -4.77 18.35 -5.34
N CYS A 222 -5.08 17.14 -5.79
CA CYS A 222 -4.26 15.97 -5.53
C CYS A 222 -3.26 15.80 -6.66
N ARG A 223 -1.98 15.66 -6.32
CA ARG A 223 -0.95 15.41 -7.34
C ARG A 223 0.03 14.37 -6.82
N PHE A 224 0.52 13.54 -7.75
CA PHE A 224 1.62 12.61 -7.51
C PHE A 224 2.71 13.07 -8.45
N VAL A 225 3.74 13.70 -7.90
CA VAL A 225 4.78 14.35 -8.70
C VAL A 225 6.17 14.06 -8.16
N ASP A 226 7.18 14.23 -9.02
CA ASP A 226 8.57 14.07 -8.60
C ASP A 226 9.20 15.42 -8.31
N TYR A 227 10.47 15.39 -7.98
CA TYR A 227 11.23 16.60 -7.65
C TYR A 227 11.41 17.57 -8.83
N ARG A 228 11.08 17.13 -10.06
CA ARG A 228 11.01 18.05 -11.20
C ARG A 228 9.59 18.57 -11.46
N ASN A 229 8.67 18.25 -10.55
CA ASN A 229 7.25 18.56 -10.69
C ASN A 229 6.60 17.87 -11.89
N GLN A 230 7.12 16.71 -12.25
CA GLN A 230 6.56 15.91 -13.33
C GLN A 230 5.64 14.89 -12.71
N PRO A 231 4.45 14.71 -13.30
CA PRO A 231 3.50 13.76 -12.73
C PRO A 231 3.97 12.32 -12.89
N LEU A 232 3.72 11.50 -11.88
CA LEU A 232 3.92 10.05 -11.96
C LEU A 232 2.55 9.38 -12.10
N PRO A 233 2.47 8.29 -12.86
CA PRO A 233 1.21 7.55 -12.92
C PRO A 233 0.94 6.76 -11.65
N TRP A 234 -0.34 6.56 -11.33
CA TRP A 234 -0.66 5.80 -10.11
C TRP A 234 -0.12 4.37 -10.17
N MET B 6 -8.99 -32.87 -17.10
CA MET B 6 -9.48 -32.15 -15.92
C MET B 6 -8.36 -31.21 -15.46
N HIS B 7 -8.62 -29.91 -15.54
CA HIS B 7 -7.74 -28.94 -14.91
C HIS B 7 -7.76 -29.11 -13.38
N ASN B 8 -6.61 -28.87 -12.76
CA ASN B 8 -6.52 -28.77 -11.31
C ASN B 8 -6.61 -27.30 -10.89
N VAL B 9 -7.60 -27.01 -10.07
CA VAL B 9 -7.84 -25.67 -9.57
C VAL B 9 -7.65 -25.65 -8.07
N LEU B 10 -6.83 -24.72 -7.57
CA LEU B 10 -6.60 -24.59 -6.13
C LEU B 10 -7.20 -23.26 -5.70
N ILE B 11 -8.14 -23.30 -4.76
CA ILE B 11 -8.77 -22.09 -4.21
C ILE B 11 -8.38 -21.99 -2.74
N VAL B 12 -7.61 -20.97 -2.40
CA VAL B 12 -7.20 -20.77 -1.01
C VAL B 12 -8.16 -19.81 -0.36
N GLY B 13 -9.01 -20.33 0.53
CA GLY B 13 -10.05 -19.56 1.22
C GLY B 13 -11.38 -19.84 0.57
N ALA B 14 -11.89 -21.05 0.81
CA ALA B 14 -13.05 -21.55 0.08
C ALA B 14 -14.23 -21.98 0.92
N SER B 15 -14.28 -21.60 2.20
CA SER B 15 -15.34 -22.10 3.10
C SER B 15 -16.67 -21.39 2.92
N ARG B 16 -16.65 -20.17 2.40
CA ARG B 16 -17.89 -19.39 2.25
C ARG B 16 -17.71 -18.29 1.23
N GLY B 17 -18.80 -17.59 0.92
CA GLY B 17 -18.73 -16.41 0.07
C GLY B 17 -18.23 -16.73 -1.34
N ILE B 18 -17.50 -15.80 -1.89
CA ILE B 18 -16.99 -15.90 -3.26
C ILE B 18 -16.02 -17.08 -3.43
N GLY B 19 -15.25 -17.41 -2.40
CA GLY B 19 -14.34 -18.55 -2.47
C GLY B 19 -15.08 -19.86 -2.71
N LEU B 20 -16.16 -20.06 -1.95
CA LEU B 20 -17.01 -21.22 -2.11
C LEU B 20 -17.67 -21.20 -3.49
N GLY B 21 -18.16 -20.02 -3.88
CA GLY B 21 -18.79 -19.83 -5.20
C GLY B 21 -17.86 -20.17 -6.33
N LEU B 22 -16.59 -19.80 -6.20
CA LEU B 22 -15.56 -20.18 -7.19
C LEU B 22 -15.33 -21.69 -7.26
N ALA B 23 -15.28 -22.34 -6.10
CA ALA B 23 -15.17 -23.81 -6.08
C ALA B 23 -16.31 -24.46 -6.81
N ASP B 24 -17.53 -23.98 -6.56
CA ASP B 24 -18.74 -24.49 -7.19
C ASP B 24 -18.68 -24.27 -8.72
N ALA B 25 -18.31 -23.06 -9.12
CA ALA B 25 -18.27 -22.69 -10.54
C ALA B 25 -17.22 -23.48 -11.32
N PHE B 26 -16.03 -23.66 -10.73
CA PHE B 26 -15.01 -24.49 -11.36
C PHE B 26 -15.42 -25.98 -11.44
N LEU B 27 -16.04 -26.49 -10.39
CA LEU B 27 -16.60 -27.84 -10.41
C LEU B 27 -17.60 -28.01 -11.56
N GLN B 28 -18.47 -27.01 -11.75
CA GLN B 28 -19.47 -27.10 -12.81
C GLN B 28 -18.84 -27.11 -14.22
N ARG B 29 -17.67 -26.52 -14.39
CA ARG B 29 -16.91 -26.62 -15.65
C ARG B 29 -16.15 -27.92 -15.85
N GLY B 30 -16.12 -28.78 -14.84
CA GLY B 30 -15.42 -30.05 -14.94
C GLY B 30 -14.03 -30.13 -14.30
N ALA B 31 -13.65 -29.12 -13.54
CA ALA B 31 -12.32 -29.10 -12.89
C ALA B 31 -12.26 -30.02 -11.67
N GLN B 32 -11.06 -30.47 -11.32
CA GLN B 32 -10.76 -31.03 -10.01
C GLN B 32 -10.38 -29.84 -9.15
N VAL B 33 -11.09 -29.64 -8.05
CA VAL B 33 -10.90 -28.49 -7.21
C VAL B 33 -10.31 -28.90 -5.86
N PHE B 34 -9.26 -28.20 -5.46
CA PHE B 34 -8.68 -28.32 -4.12
C PHE B 34 -9.03 -27.04 -3.37
N ALA B 35 -9.84 -27.13 -2.34
CA ALA B 35 -10.45 -25.99 -1.64
C ALA B 35 -9.91 -25.89 -0.22
N VAL B 36 -9.06 -24.91 0.03
CA VAL B 36 -8.42 -24.76 1.32
C VAL B 36 -9.27 -23.84 2.19
N ALA B 37 -9.49 -24.26 3.44
CA ALA B 37 -10.18 -23.43 4.43
C ALA B 37 -9.59 -23.67 5.81
N ARG B 38 -9.69 -22.65 6.69
CA ARG B 38 -9.19 -22.81 8.07
C ARG B 38 -9.92 -23.89 8.83
N ARG B 39 -11.24 -23.97 8.63
CA ARG B 39 -12.10 -24.93 9.32
C ARG B 39 -13.09 -25.56 8.34
N PRO B 40 -12.61 -26.38 7.39
CA PRO B 40 -13.49 -26.89 6.31
C PRO B 40 -14.69 -27.68 6.84
N GLN B 41 -14.46 -28.50 7.86
CA GLN B 41 -15.50 -29.28 8.51
C GLN B 41 -16.62 -28.42 9.11
N GLY B 42 -16.32 -27.18 9.49
CA GLY B 42 -17.31 -26.25 10.02
C GLY B 42 -18.06 -25.40 9.00
N SER B 43 -17.86 -25.67 7.70
CA SER B 43 -18.57 -24.98 6.61
C SER B 43 -19.63 -25.90 6.02
N PRO B 44 -20.92 -25.66 6.32
CA PRO B 44 -21.96 -26.47 5.65
C PRO B 44 -21.96 -26.34 4.12
N GLY B 45 -21.59 -25.18 3.60
CA GLY B 45 -21.46 -24.95 2.17
C GLY B 45 -20.42 -25.85 1.51
N LEU B 46 -19.22 -25.91 2.11
CA LEU B 46 -18.16 -26.74 1.57
C LEU B 46 -18.51 -28.24 1.72
N GLN B 47 -19.11 -28.61 2.85
CA GLN B 47 -19.58 -29.98 3.06
C GLN B 47 -20.60 -30.39 2.03
N ALA B 48 -21.55 -29.50 1.72
CA ALA B 48 -22.56 -29.77 0.68
C ALA B 48 -21.91 -29.95 -0.69
N LEU B 49 -20.97 -29.09 -1.05
CA LEU B 49 -20.25 -29.26 -2.31
C LEU B 49 -19.48 -30.57 -2.40
N ALA B 50 -18.78 -30.90 -1.31
CA ALA B 50 -18.06 -32.18 -1.19
C ALA B 50 -18.96 -33.38 -1.40
N GLU B 51 -20.16 -33.34 -0.82
CA GLU B 51 -21.12 -34.43 -0.97
C GLU B 51 -21.57 -34.57 -2.43
N ARG B 52 -21.88 -33.45 -3.08
CA ARG B 52 -22.37 -33.42 -4.46
C ARG B 52 -21.30 -33.83 -5.48
N ALA B 53 -20.08 -33.31 -5.31
CA ALA B 53 -19.02 -33.54 -6.27
C ALA B 53 -18.19 -34.76 -5.98
N GLY B 54 -18.32 -35.28 -4.75
CA GLY B 54 -17.49 -36.33 -4.19
C GLY B 54 -16.03 -35.93 -4.30
N GLU B 55 -15.29 -36.84 -4.93
CA GLU B 55 -13.85 -36.74 -5.01
C GLU B 55 -13.33 -35.57 -5.82
N ARG B 56 -14.17 -35.01 -6.69
CA ARG B 56 -13.78 -33.84 -7.50
C ARG B 56 -13.55 -32.57 -6.68
N LEU B 57 -14.09 -32.51 -5.46
CA LEU B 57 -13.83 -31.41 -4.52
C LEU B 57 -13.06 -31.99 -3.34
N GLN B 58 -11.80 -31.64 -3.21
CA GLN B 58 -11.00 -32.05 -2.05
C GLN B 58 -10.86 -30.84 -1.14
N ALA B 59 -11.47 -30.91 0.05
CA ALA B 59 -11.33 -29.84 1.03
C ALA B 59 -10.03 -30.13 1.79
N VAL B 60 -9.31 -29.07 2.12
CA VAL B 60 -8.00 -29.15 2.71
C VAL B 60 -8.00 -28.18 3.89
N THR B 61 -7.59 -28.63 5.08
CA THR B 61 -7.48 -27.71 6.22
C THR B 61 -6.19 -26.92 6.08
N GLY B 62 -6.26 -25.60 6.13
CA GLY B 62 -5.06 -24.80 5.95
C GLY B 62 -5.33 -23.34 6.23
N ASP B 63 -4.26 -22.64 6.61
CA ASP B 63 -4.36 -21.25 7.01
C ASP B 63 -3.22 -20.52 6.34
N LEU B 64 -3.59 -19.59 5.48
CA LEU B 64 -2.68 -18.71 4.76
C LEU B 64 -1.57 -18.11 5.64
N ASN B 65 -1.89 -17.82 6.90
CA ASN B 65 -0.94 -17.15 7.79
C ASN B 65 0.03 -18.11 8.47
N GLN B 66 -0.19 -19.40 8.31
CA GLN B 66 0.69 -20.42 8.87
C GLN B 66 1.84 -20.67 7.90
N HIS B 67 3.06 -20.65 8.42
CA HIS B 67 4.25 -20.77 7.55
C HIS B 67 4.41 -22.13 6.86
N ASP B 68 3.75 -23.17 7.39
CA ASP B 68 3.73 -24.49 6.74
C ASP B 68 2.62 -24.67 5.68
N CYS B 69 1.87 -23.62 5.36
CA CYS B 69 0.67 -23.78 4.54
C CYS B 69 1.03 -24.34 3.15
N ALA B 70 2.03 -23.74 2.51
CA ALA B 70 2.48 -24.19 1.17
C ALA B 70 2.95 -25.62 1.19
N GLU B 71 3.71 -25.96 2.22
CA GLU B 71 4.21 -27.31 2.41
C GLU B 71 3.06 -28.29 2.54
N ARG B 72 2.05 -27.96 3.33
CA ARG B 72 0.89 -28.83 3.51
C ARG B 72 0.09 -29.01 2.24
N ILE B 73 -0.11 -27.92 1.51
CA ILE B 73 -0.80 -28.00 0.22
C ILE B 73 0.01 -28.90 -0.75
N GLY B 74 1.31 -28.67 -0.81
CA GLY B 74 2.19 -29.44 -1.70
C GLY B 74 2.16 -30.92 -1.40
N GLU B 75 2.34 -31.26 -0.12
CA GLU B 75 2.30 -32.66 0.32
C GLU B 75 1.01 -33.32 -0.09
N MET B 76 -0.08 -32.60 0.08
CA MET B 76 -1.39 -33.06 -0.36
C MET B 76 -1.48 -33.25 -1.89
N LEU B 77 -1.03 -32.27 -2.67
CA LEU B 77 -1.12 -32.34 -4.14
C LEU B 77 -0.25 -33.45 -4.77
N GLY B 78 0.83 -33.83 -4.09
CA GLY B 78 1.78 -34.80 -4.64
C GLY B 78 2.50 -34.16 -5.81
N GLU B 79 2.46 -34.81 -6.97
CA GLU B 79 3.10 -34.28 -8.19
C GLU B 79 2.15 -33.54 -9.09
N ARG B 80 0.91 -33.33 -8.66
CA ARG B 80 -0.09 -32.68 -9.50
C ARG B 80 0.22 -31.22 -9.68
N ARG B 81 0.10 -30.76 -10.91
CA ARG B 81 0.35 -29.37 -11.21
C ARG B 81 -0.94 -28.60 -11.02
N ILE B 82 -0.80 -27.31 -10.75
CA ILE B 82 -1.95 -26.45 -10.52
C ILE B 82 -2.15 -25.65 -11.79
N ASP B 83 -3.31 -25.80 -12.41
CA ASP B 83 -3.62 -25.03 -13.60
C ASP B 83 -4.11 -23.62 -13.30
N ARG B 84 -4.92 -23.49 -12.24
CA ARG B 84 -5.46 -22.19 -11.82
C ARG B 84 -5.29 -22.14 -10.32
N LEU B 85 -4.57 -21.11 -9.84
CA LEU B 85 -4.34 -20.90 -8.42
C LEU B 85 -5.04 -19.61 -8.07
N ILE B 86 -6.04 -19.70 -7.19
CA ILE B 86 -6.80 -18.53 -6.76
C ILE B 86 -6.60 -18.35 -5.26
N VAL B 87 -5.99 -17.23 -4.88
CA VAL B 87 -5.78 -16.91 -3.50
C VAL B 87 -6.89 -15.93 -3.11
N ASN B 88 -7.79 -16.40 -2.27
CA ASN B 88 -8.97 -15.64 -1.85
C ASN B 88 -8.75 -15.32 -0.37
N ALA B 89 -7.62 -14.68 -0.12
CA ALA B 89 -7.34 -14.08 1.18
C ALA B 89 -8.18 -12.83 1.23
N GLY B 90 -8.77 -12.56 2.38
CA GLY B 90 -9.25 -11.23 2.63
C GLY B 90 -9.91 -11.10 3.98
N ILE B 91 -9.42 -10.14 4.77
CA ILE B 91 -10.15 -9.66 5.93
C ILE B 91 -10.38 -8.18 5.76
N TYR B 92 -11.34 -7.65 6.50
CA TYR B 92 -11.69 -6.24 6.39
C TYR B 92 -10.68 -5.33 7.08
N GLY B 93 -10.09 -5.81 8.16
CA GLY B 93 -9.36 -4.96 9.07
C GLY B 93 -10.31 -4.43 10.13
N PRO B 94 -9.84 -3.49 10.97
CA PRO B 94 -10.67 -2.95 12.04
C PRO B 94 -12.00 -2.41 11.53
N GLN B 95 -13.09 -2.72 12.21
CA GLN B 95 -14.41 -2.36 11.71
C GLN B 95 -14.54 -0.82 11.53
N GLN B 96 -13.91 -0.05 12.39
CA GLN B 96 -13.98 1.42 12.30
C GLN B 96 -13.11 2.04 11.21
N GLN B 97 -12.17 1.28 10.65
CA GLN B 97 -11.36 1.70 9.50
C GLN B 97 -10.68 3.06 9.78
N ASP B 98 -10.17 3.19 11.01
CA ASP B 98 -9.73 4.49 11.54
C ASP B 98 -8.22 4.48 11.77
N VAL B 99 -7.49 5.28 10.99
CA VAL B 99 -6.02 5.40 11.16
C VAL B 99 -5.59 5.87 12.52
N ALA B 100 -6.44 6.61 13.22
CA ALA B 100 -6.16 7.10 14.57
C ALA B 100 -6.21 6.06 15.64
N GLU B 101 -6.83 4.91 15.36
CA GLU B 101 -7.04 3.89 16.37
C GLU B 101 -6.36 2.55 16.10
N ILE B 102 -6.01 2.25 14.85
CA ILE B 102 -5.47 0.92 14.50
C ILE B 102 -4.14 0.71 15.24
N ASP B 103 -4.01 -0.44 15.88
CA ASP B 103 -2.80 -0.74 16.67
C ASP B 103 -1.84 -1.65 15.90
N ALA B 104 -0.73 -2.03 16.51
CA ALA B 104 0.28 -2.83 15.82
C ALA B 104 -0.22 -4.20 15.45
N GLU B 105 -0.93 -4.85 16.37
CA GLU B 105 -1.42 -6.21 16.12
C GLU B 105 -2.42 -6.23 14.96
N GLN B 106 -3.32 -5.25 14.94
CA GLN B 106 -4.29 -5.12 13.85
C GLN B 106 -3.63 -4.81 12.52
N THR B 107 -2.60 -3.95 12.53
CA THR B 107 -1.87 -3.62 11.32
C THR B 107 -1.17 -4.85 10.75
N ALA B 108 -0.48 -5.59 11.61
CA ALA B 108 0.19 -6.82 11.18
C ALA B 108 -0.81 -7.79 10.58
N GLN B 109 -1.93 -7.98 11.27
CA GLN B 109 -2.94 -8.95 10.79
C GLN B 109 -3.47 -8.55 9.41
N LEU B 110 -3.78 -7.27 9.26
CA LEU B 110 -4.36 -6.76 8.03
C LEU B 110 -3.41 -6.94 6.84
N PHE B 111 -2.18 -6.47 6.98
CA PHE B 111 -1.24 -6.48 5.86
C PHE B 111 -0.63 -7.84 5.61
N LEU B 112 -0.44 -8.65 6.67
CA LEU B 112 -0.02 -10.04 6.44
C LEU B 112 -1.11 -10.82 5.72
N THR B 113 -2.36 -10.72 6.17
CA THR B 113 -3.39 -11.55 5.60
C THR B 113 -3.75 -11.12 4.19
N ASN B 114 -3.81 -9.81 3.95
CA ASN B 114 -4.32 -9.30 2.68
C ASN B 114 -3.30 -9.10 1.60
N ALA B 115 -2.02 -8.98 1.97
CA ALA B 115 -1.01 -8.58 1.00
C ALA B 115 0.21 -9.52 1.05
N ILE B 116 0.85 -9.65 2.21
CA ILE B 116 2.13 -10.37 2.28
C ILE B 116 1.96 -11.90 2.18
N ALA B 117 1.09 -12.48 3.01
CA ALA B 117 0.93 -13.94 3.03
C ALA B 117 0.41 -14.48 1.68
N PRO B 118 -0.50 -13.76 0.99
CA PRO B 118 -0.87 -14.22 -0.38
C PRO B 118 0.30 -14.38 -1.32
N LEU B 119 1.21 -13.40 -1.33
CA LEU B 119 2.41 -13.52 -2.15
C LEU B 119 3.35 -14.62 -1.67
N ARG B 120 3.55 -14.72 -0.35
CA ARG B 120 4.42 -15.76 0.18
C ARG B 120 3.96 -17.14 -0.26
N LEU B 121 2.66 -17.37 -0.14
CA LEU B 121 2.06 -18.65 -0.52
C LEU B 121 2.12 -18.88 -2.02
N ALA B 122 1.70 -17.91 -2.82
CA ALA B 122 1.72 -18.07 -4.28
C ALA B 122 3.13 -18.33 -4.80
N ARG B 123 4.10 -17.57 -4.29
CA ARG B 123 5.51 -17.77 -4.68
C ARG B 123 5.98 -19.17 -4.32
N ALA B 124 5.65 -19.62 -3.11
CA ALA B 124 6.06 -20.94 -2.66
C ALA B 124 5.45 -22.09 -3.49
N LEU B 125 4.24 -21.89 -4.00
CA LEU B 125 3.57 -22.87 -4.87
C LEU B 125 3.84 -22.69 -6.35
N SER B 126 4.54 -21.61 -6.73
CA SER B 126 4.62 -21.23 -8.13
C SER B 126 5.34 -22.26 -9.01
N GLY B 127 6.25 -23.05 -8.44
CA GLY B 127 6.95 -24.08 -9.20
C GLY B 127 6.03 -25.21 -9.66
N ARG B 128 4.83 -25.27 -9.08
CA ARG B 128 3.81 -26.28 -9.38
C ARG B 128 2.75 -25.77 -10.37
N VAL B 129 2.76 -24.46 -10.65
CA VAL B 129 1.74 -23.86 -11.50
C VAL B 129 2.06 -24.15 -12.96
N SER B 130 1.08 -24.63 -13.71
CA SER B 130 1.26 -24.93 -15.12
C SER B 130 1.75 -23.71 -15.89
N ARG B 131 2.70 -23.93 -16.80
CA ARG B 131 3.15 -22.86 -17.66
C ARG B 131 1.98 -22.55 -18.61
N GLY B 132 1.64 -21.28 -18.72
CA GLY B 132 0.42 -20.91 -19.44
C GLY B 132 -0.84 -20.99 -18.58
N GLY B 133 -0.69 -21.24 -17.28
CA GLY B 133 -1.79 -21.22 -16.33
C GLY B 133 -2.08 -19.82 -15.83
N VAL B 134 -2.79 -19.75 -14.71
CA VAL B 134 -3.22 -18.49 -14.14
C VAL B 134 -3.07 -18.50 -12.64
N VAL B 135 -2.42 -17.48 -12.10
CA VAL B 135 -2.44 -17.21 -10.65
C VAL B 135 -3.25 -15.94 -10.45
N ALA B 136 -4.34 -16.04 -9.67
CA ALA B 136 -5.18 -14.90 -9.43
C ALA B 136 -5.30 -14.62 -7.94
N PHE B 137 -5.34 -13.35 -7.61
CA PHE B 137 -5.52 -12.90 -6.23
C PHE B 137 -6.80 -12.10 -6.14
N MET B 138 -7.62 -12.39 -5.13
CA MET B 138 -8.81 -11.60 -4.90
C MET B 138 -8.39 -10.22 -4.36
N SER B 139 -8.66 -9.18 -5.14
CA SER B 139 -8.29 -7.83 -4.78
C SER B 139 -9.63 -7.08 -4.59
N SER B 140 -9.69 -5.81 -5.01
CA SER B 140 -10.92 -5.02 -4.88
C SER B 140 -10.83 -3.80 -5.74
N GLN B 141 -11.99 -3.29 -6.14
CA GLN B 141 -12.10 -1.95 -6.70
C GLN B 141 -11.52 -0.91 -5.77
N MET B 142 -11.62 -1.16 -4.46
CA MET B 142 -11.07 -0.24 -3.47
C MET B 142 -9.54 -0.14 -3.47
N ALA B 143 -8.86 -1.06 -4.17
CA ALA B 143 -7.43 -1.02 -4.36
C ALA B 143 -6.98 0.05 -5.37
N SER B 144 -7.90 0.51 -6.23
CA SER B 144 -7.53 1.36 -7.34
C SER B 144 -7.26 2.78 -6.85
N LEU B 145 -6.06 3.26 -7.13
CA LEU B 145 -5.68 4.65 -6.86
C LEU B 145 -6.44 5.60 -7.77
N ALA B 146 -6.52 5.27 -9.07
CA ALA B 146 -7.25 6.14 -10.02
C ALA B 146 -8.71 6.30 -9.68
N LEU B 147 -9.40 5.22 -9.30
CA LEU B 147 -10.81 5.33 -8.92
C LEU B 147 -11.00 6.10 -7.60
N GLY B 148 -10.10 5.83 -6.66
CA GLY B 148 -10.07 6.52 -5.38
C GLY B 148 -11.39 6.47 -4.61
N LEU B 149 -11.99 5.28 -4.59
CA LEU B 149 -13.33 5.07 -4.03
C LEU B 149 -13.34 4.56 -2.59
N SER B 150 -12.17 4.45 -1.96
CA SER B 150 -12.08 3.72 -0.67
C SER B 150 -12.24 4.60 0.59
N ALA B 151 -12.80 5.80 0.45
CA ALA B 151 -12.92 6.72 1.60
C ALA B 151 -13.64 6.12 2.81
N THR B 152 -14.63 5.26 2.59
CA THR B 152 -15.37 4.71 3.72
C THR B 152 -14.73 3.45 4.28
N MET B 153 -13.74 2.91 3.61
CA MET B 153 -12.96 1.77 4.14
C MET B 153 -11.50 1.89 3.77
N PRO B 154 -10.85 2.94 4.30
CA PRO B 154 -9.51 3.24 3.82
C PRO B 154 -8.48 2.17 4.11
N LEU B 155 -8.55 1.54 5.28
CA LEU B 155 -7.55 0.54 5.65
C LEU B 155 -7.65 -0.70 4.77
N TYR B 156 -8.89 -1.15 4.55
CA TYR B 156 -9.12 -2.27 3.65
C TYR B 156 -8.57 -1.98 2.26
N GLY B 157 -8.94 -0.80 1.73
CA GLY B 157 -8.48 -0.41 0.41
C GLY B 157 -6.96 -0.33 0.32
N ALA B 158 -6.31 0.21 1.35
CA ALA B 158 -4.85 0.30 1.37
C ALA B 158 -4.19 -1.08 1.40
N SER B 159 -4.81 -2.03 2.12
CA SER B 159 -4.28 -3.40 2.17
C SER B 159 -4.35 -4.06 0.79
N LYS B 160 -5.41 -3.76 0.03
CA LYS B 160 -5.54 -4.29 -1.35
C LYS B 160 -4.67 -3.55 -2.37
N ALA B 161 -4.41 -2.25 -2.15
CA ALA B 161 -3.40 -1.56 -2.92
C ALA B 161 -2.02 -2.18 -2.70
N ALA B 162 -1.73 -2.52 -1.45
CA ALA B 162 -0.47 -3.18 -1.12
C ALA B 162 -0.36 -4.54 -1.78
N LEU B 163 -1.46 -5.29 -1.80
CA LEU B 163 -1.50 -6.56 -2.52
C LEU B 163 -1.16 -6.34 -3.99
N ASN B 164 -1.87 -5.39 -4.62
CA ASN B 164 -1.64 -5.13 -6.06
C ASN B 164 -0.17 -4.79 -6.32
N SER B 165 0.39 -3.95 -5.45
CA SER B 165 1.80 -3.58 -5.53
C SER B 165 2.74 -4.77 -5.47
N LEU B 166 2.51 -5.65 -4.50
CA LEU B 166 3.33 -6.85 -4.37
C LEU B 166 3.22 -7.79 -5.56
N VAL B 167 2.04 -7.88 -6.15
CA VAL B 167 1.87 -8.72 -7.37
C VAL B 167 2.62 -8.10 -8.54
N ARG B 168 2.52 -6.80 -8.73
CA ARG B 168 3.35 -6.11 -9.73
C ARG B 168 4.87 -6.30 -9.50
N SER B 169 5.29 -6.26 -8.25
CA SER B 169 6.68 -6.53 -7.91
C SER B 169 7.11 -7.93 -8.28
N TRP B 170 6.24 -8.91 -8.04
CA TRP B 170 6.54 -10.27 -8.42
C TRP B 170 6.68 -10.36 -9.95
N GLU B 171 5.74 -9.77 -10.67
CA GLU B 171 5.81 -9.76 -12.14
C GLU B 171 7.18 -9.26 -12.60
N GLY B 172 7.68 -8.22 -11.93
CA GLY B 172 8.94 -7.63 -12.28
C GLY B 172 10.18 -8.48 -12.08
N GLU B 173 10.03 -9.61 -11.39
CA GLU B 173 11.11 -10.58 -11.24
C GLU B 173 11.33 -11.52 -12.44
N PHE B 174 10.38 -11.54 -13.38
CA PHE B 174 10.44 -12.40 -14.53
C PHE B 174 10.80 -11.62 -15.79
N GLU B 175 11.57 -12.23 -16.67
CA GLU B 175 11.83 -11.68 -18.01
C GLU B 175 10.51 -11.63 -18.82
N GLU B 176 9.78 -12.74 -18.78
CA GLU B 176 8.45 -12.88 -19.34
C GLU B 176 7.67 -13.69 -18.35
N LEU B 177 6.39 -13.39 -18.18
CA LEU B 177 5.57 -14.14 -17.23
C LEU B 177 5.42 -15.58 -17.69
N PRO B 178 5.58 -16.54 -16.77
CA PRO B 178 5.36 -17.96 -17.09
C PRO B 178 3.89 -18.40 -17.00
N PHE B 179 3.06 -17.56 -16.41
CA PHE B 179 1.63 -17.77 -16.22
C PHE B 179 1.04 -16.38 -16.08
N SER B 180 -0.29 -16.25 -16.26
CA SER B 180 -0.90 -14.96 -16.03
C SER B 180 -1.00 -14.63 -14.54
N LEU B 181 -0.94 -13.34 -14.21
CA LEU B 181 -1.09 -12.84 -12.86
C LEU B 181 -2.31 -11.92 -12.85
N LEU B 182 -3.36 -12.33 -12.16
CA LEU B 182 -4.59 -11.56 -12.12
C LEU B 182 -4.89 -10.98 -10.75
N LEU B 183 -5.39 -9.75 -10.73
CA LEU B 183 -5.93 -9.13 -9.56
C LEU B 183 -7.42 -8.98 -9.84
N LEU B 184 -8.25 -9.59 -9.01
CA LEU B 184 -9.69 -9.69 -9.28
C LEU B 184 -10.52 -8.78 -8.41
N HIS B 185 -11.46 -8.07 -9.03
CA HIS B 185 -12.55 -7.40 -8.30
C HIS B 185 -13.82 -8.23 -8.51
N PRO B 186 -14.38 -8.77 -7.41
CA PRO B 186 -15.54 -9.66 -7.56
C PRO B 186 -16.88 -8.95 -7.79
N GLY B 187 -16.91 -7.63 -7.77
CA GLY B 187 -18.14 -6.87 -7.71
C GLY B 187 -18.59 -6.78 -6.28
N TRP B 188 -19.72 -6.10 -6.07
CA TRP B 188 -20.23 -5.89 -4.72
C TRP B 188 -21.27 -6.97 -4.43
N VAL B 189 -20.75 -8.12 -4.09
CA VAL B 189 -21.54 -9.33 -3.93
C VAL B 189 -22.33 -9.19 -2.65
N ARG B 190 -23.60 -9.58 -2.66
CA ARG B 190 -24.38 -9.72 -1.41
C ARG B 190 -24.77 -11.19 -1.22
N LEU B 200 -25.98 -8.35 -6.62
CA LEU B 200 -25.10 -9.29 -7.32
C LEU B 200 -24.94 -10.54 -6.46
N SER B 201 -25.30 -11.72 -6.99
CA SER B 201 -25.21 -12.97 -6.26
C SER B 201 -23.77 -13.49 -6.29
N VAL B 202 -23.42 -14.32 -5.32
CA VAL B 202 -22.14 -15.07 -5.39
C VAL B 202 -22.02 -15.88 -6.70
N GLU B 203 -23.12 -16.50 -7.10
CA GLU B 203 -23.14 -17.35 -8.30
C GLU B 203 -22.80 -16.56 -9.56
N GLU B 204 -23.38 -15.37 -9.72
CA GLU B 204 -23.10 -14.56 -10.93
C GLU B 204 -21.67 -14.04 -10.90
N SER B 205 -21.21 -13.60 -9.73
CA SER B 205 -19.84 -13.12 -9.56
C SER B 205 -18.86 -14.24 -9.88
N ALA B 206 -19.05 -15.42 -9.29
CA ALA B 206 -18.12 -16.54 -9.50
C ALA B 206 -18.11 -16.99 -10.98
N ALA B 207 -19.27 -17.08 -11.61
CA ALA B 207 -19.33 -17.46 -13.04
C ALA B 207 -18.52 -16.46 -13.90
N GLY B 208 -18.67 -15.20 -13.58
CA GLY B 208 -17.92 -14.16 -14.26
C GLY B 208 -16.42 -14.24 -14.04
N LEU B 209 -16.02 -14.42 -12.79
CA LEU B 209 -14.60 -14.52 -12.43
C LEU B 209 -13.96 -15.74 -13.06
N VAL B 210 -14.69 -16.86 -13.12
CA VAL B 210 -14.17 -18.02 -13.82
C VAL B 210 -13.93 -17.71 -15.29
N ALA B 211 -14.87 -17.02 -15.94
CA ALA B 211 -14.68 -16.62 -17.34
C ALA B 211 -13.48 -15.69 -17.51
N ALA B 212 -13.29 -14.75 -16.60
CA ALA B 212 -12.13 -13.84 -16.64
C ALA B 212 -10.81 -14.59 -16.48
N VAL B 213 -10.78 -15.51 -15.52
CA VAL B 213 -9.61 -16.37 -15.31
C VAL B 213 -9.29 -17.20 -16.55
N GLU B 214 -10.29 -17.84 -17.11
CA GLU B 214 -10.05 -18.67 -18.31
C GLU B 214 -9.63 -17.84 -19.52
N ASP B 215 -10.16 -16.62 -19.64
CA ASP B 215 -9.74 -15.70 -20.69
C ASP B 215 -8.24 -15.33 -20.62
N ALA B 216 -7.65 -15.37 -19.43
CA ALA B 216 -6.22 -15.08 -19.28
C ALA B 216 -5.31 -16.28 -19.45
N ALA B 217 -5.87 -17.48 -19.56
CA ALA B 217 -5.06 -18.69 -19.69
C ALA B 217 -4.39 -18.72 -21.06
N GLY B 218 -3.09 -18.93 -21.06
CA GLY B 218 -2.28 -18.91 -22.29
C GLY B 218 -1.80 -17.53 -22.71
N VAL B 219 -2.24 -16.47 -22.04
CA VAL B 219 -1.85 -15.11 -22.39
C VAL B 219 -0.60 -14.67 -21.65
N ASN B 220 -0.36 -15.21 -20.44
CA ASN B 220 0.79 -14.81 -19.60
C ASN B 220 0.88 -13.30 -19.45
N ALA B 221 -0.20 -12.70 -18.99
CA ALA B 221 -0.30 -11.26 -18.79
C ALA B 221 -0.71 -10.95 -17.37
N CYS B 222 -0.42 -9.70 -16.98
CA CYS B 222 -0.85 -9.14 -15.73
C CYS B 222 -2.14 -8.37 -16.03
N ARG B 223 -3.21 -8.65 -15.28
CA ARG B 223 -4.50 -8.00 -15.52
C ARG B 223 -5.12 -7.67 -14.18
N PHE B 224 -5.76 -6.50 -14.09
CA PHE B 224 -6.57 -6.09 -12.95
C PHE B 224 -7.97 -5.97 -13.56
N VAL B 225 -8.83 -6.93 -13.26
CA VAL B 225 -10.12 -7.06 -13.92
C VAL B 225 -11.22 -7.40 -12.93
N ASP B 226 -12.46 -7.10 -13.33
CA ASP B 226 -13.60 -7.42 -12.51
C ASP B 226 -14.25 -8.71 -12.99
N TYR B 227 -15.37 -9.04 -12.35
CA TYR B 227 -16.11 -10.25 -12.66
C TYR B 227 -16.76 -10.22 -14.06
N ARG B 228 -16.75 -9.09 -14.74
CA ARG B 228 -17.15 -9.02 -16.16
C ARG B 228 -15.96 -9.07 -17.13
N ASN B 229 -14.78 -9.31 -16.59
CA ASN B 229 -13.51 -9.24 -17.33
C ASN B 229 -13.20 -7.85 -17.88
N GLN B 230 -13.73 -6.81 -17.22
CA GLN B 230 -13.44 -5.43 -17.60
C GLN B 230 -12.27 -4.93 -16.78
N PRO B 231 -11.34 -4.23 -17.43
CA PRO B 231 -10.16 -3.78 -16.70
C PRO B 231 -10.50 -2.67 -15.72
N LEU B 232 -9.84 -2.68 -14.57
CA LEU B 232 -9.86 -1.56 -13.64
C LEU B 232 -8.55 -0.80 -13.76
N PRO B 233 -8.57 0.52 -13.64
CA PRO B 233 -7.29 1.25 -13.63
C PRO B 233 -6.54 1.04 -12.32
N TRP B 234 -5.21 1.10 -12.37
CA TRP B 234 -4.41 0.96 -11.16
C TRP B 234 -4.74 2.01 -10.12
PA NAP C . 17.15 9.14 5.77
O1A NAP C . 17.56 7.83 6.29
O2A NAP C . 18.34 9.97 5.24
O5B NAP C . 16.42 10.08 6.91
C5B NAP C . 15.21 9.57 7.45
C4B NAP C . 14.59 10.70 8.29
O4B NAP C . 13.30 10.01 8.78
C3B NAP C . 15.30 11.03 9.32
O3B NAP C . 15.27 12.45 9.62
C2B NAP C . 14.61 10.19 10.58
O2B NAP C . 14.97 10.82 11.87
C1B NAP C . 13.37 10.29 10.31
N9A NAP C . 12.56 9.16 10.82
C8A NAP C . 12.48 7.85 10.61
N7A NAP C . 11.49 7.41 11.39
C5A NAP C . 10.98 8.46 12.07
C6A NAP C . 9.96 8.51 12.99
N6A NAP C . 9.02 7.62 13.65
N1A NAP C . 9.62 9.71 13.54
C2A NAP C . 10.27 10.86 13.18
N3A NAP C . 11.29 10.80 12.27
C4A NAP C . 11.63 9.57 11.73
O3 NAP C . 15.96 8.91 4.63
PN NAP C . 15.77 9.82 3.33
O1N NAP C . 16.18 11.24 3.52
O2N NAP C . 16.50 9.13 2.17
O5D NAP C . 14.18 9.72 2.97
C5D NAP C . 13.20 10.62 3.51
C4D NAP C . 11.88 10.14 2.90
O4D NAP C . 12.10 10.10 1.33
C3D NAP C . 11.44 8.92 3.26
O3D NAP C . 9.93 8.98 3.33
C2D NAP C . 11.81 7.97 2.12
O2D NAP C . 10.99 6.88 2.02
C1D NAP C . 11.63 8.93 0.93
N1N NAP C . 12.38 8.53 -0.28
C2N NAP C . 13.74 8.58 -0.30
C3N NAP C . 14.43 8.24 -1.49
C7N NAP C . 15.98 8.29 -1.57
O7N NAP C . 16.51 7.95 -2.54
N7N NAP C . 16.78 8.76 -0.48
C4N NAP C . 13.71 7.82 -2.59
C5N NAP C . 12.36 7.78 -2.56
C6N NAP C . 11.68 8.14 -1.39
P2B NAP C . 16.21 10.15 12.83
O1X NAP C . 17.53 10.84 12.56
O2X NAP C . 15.77 10.29 14.24
O3X NAP C . 16.41 8.68 12.50
C1 EDO D . 12.61 5.28 -5.20
O1 EDO D . 12.60 4.86 -3.84
C2 EDO D . 14.02 5.55 -5.72
O2 EDO D . 15.01 5.30 -4.72
NA NA E . 5.11 10.30 23.30
#